data_8I52
#
_entry.id   8I52
#
_cell.length_a   101.320
_cell.length_b   79.250
_cell.length_c   67.900
_cell.angle_alpha   90.000
_cell.angle_beta   130.140
_cell.angle_gamma   90.000
#
_symmetry.space_group_name_H-M   'C 1 2 1'
#
loop_
_entity.id
_entity.type
_entity.pdbx_description
1 polymer 'Beta-lactamase class B VIM-2'
2 non-polymer 'ZINC ION'
3 non-polymer 'FORMIC ACID'
4 non-polymer '(2~{S})-2-butyl-3-methylidene-butanedioic acid'
5 water water
#
_entity_poly.entity_id   1
_entity_poly.type   'polypeptide(L)'
_entity_poly.pdbx_seq_one_letter_code
;SPLAFSVDSSGEYPTVSEIPVGEVRLYQIADGVWSHIATQSFDGAVYPSNGLIVRDGDELLLIDTAWGAKNTAALLAEIE
KQIGLPVTRAVSTHFHDDRVGGVDVLRAAGVATYASPSTRRLAEVEGNEIPTHSLEGLSSSGDAVRFGPVELFYPGAAHS
TDNLVVYVPSASVLYGGCAIYELSRTSAGNVADADLAEWPTSIERIQQHYPEAQFVIPGHGLPGGLDLLKHTTNVVKAHT
NRSVVE
;
_entity_poly.pdbx_strand_id   A,D
#
loop_
_chem_comp.id
_chem_comp.type
_chem_comp.name
_chem_comp.formula
FMT non-polymer 'FORMIC ACID' 'C H2 O2'
OR6 non-polymer '(2~{S})-2-butyl-3-methylidene-butanedioic acid' 'C9 H14 O4'
ZN non-polymer 'ZINC ION' 'Zn 2'
#
# COMPACT_ATOMS: atom_id res chain seq x y z
N GLU A 12 -2.78 8.65 30.98
CA GLU A 12 -3.52 7.35 31.03
C GLU A 12 -3.83 6.91 29.59
N TYR A 13 -4.58 7.64 28.74
CA TYR A 13 -4.70 7.19 27.35
C TYR A 13 -3.36 7.39 26.62
N PRO A 14 -2.86 6.42 25.84
CA PRO A 14 -1.56 6.59 25.16
C PRO A 14 -1.63 7.55 23.97
N THR A 15 -0.52 8.28 23.84
CA THR A 15 -0.28 9.20 22.74
C THR A 15 0.85 8.63 21.89
N VAL A 16 1.16 9.29 20.77
CA VAL A 16 2.27 8.91 19.91
C VAL A 16 3.56 8.71 20.72
N SER A 17 3.83 9.56 21.72
CA SER A 17 5.10 9.48 22.42
C SER A 17 5.24 8.21 23.26
N GLU A 18 4.13 7.50 23.53
CA GLU A 18 4.18 6.28 24.31
C GLU A 18 4.18 5.05 23.41
N ILE A 19 4.09 5.19 22.08
CA ILE A 19 3.96 4.01 21.23
C ILE A 19 5.14 3.89 20.27
N PRO A 20 6.10 2.94 20.48
CA PRO A 20 7.17 2.76 19.49
C PRO A 20 6.61 2.31 18.14
N VAL A 21 7.41 2.60 17.11
CA VAL A 21 7.07 2.29 15.73
C VAL A 21 6.73 0.81 15.63
N GLY A 22 5.56 0.54 15.05
CA GLY A 22 5.14 -0.84 14.79
C GLY A 22 4.56 -1.58 16.00
N GLU A 23 4.39 -0.88 17.13
N GLU A 23 4.37 -0.89 17.13
CA GLU A 23 3.77 -1.44 18.33
CA GLU A 23 3.77 -1.48 18.32
C GLU A 23 2.32 -0.98 18.38
C GLU A 23 2.35 -0.92 18.47
N VAL A 24 1.53 -1.69 19.19
CA VAL A 24 0.12 -1.36 19.45
C VAL A 24 -0.11 -1.41 20.96
N ARG A 25 -0.92 -0.48 21.46
N ARG A 25 -0.90 -0.46 21.46
CA ARG A 25 -1.38 -0.52 22.83
CA ARG A 25 -1.41 -0.47 22.82
C ARG A 25 -2.88 -0.80 22.87
C ARG A 25 -2.88 -0.87 22.82
N LEU A 26 -3.32 -1.49 23.93
CA LEU A 26 -4.73 -1.76 24.21
C LEU A 26 -5.11 -0.91 25.41
N TYR A 27 -6.30 -0.30 25.39
CA TYR A 27 -6.76 0.51 26.49
C TYR A 27 -8.14 0.02 26.85
N GLN A 28 -8.37 -0.37 28.11
CA GLN A 28 -9.68 -0.85 28.48
C GLN A 28 -10.59 0.35 28.77
N ILE A 29 -11.66 0.46 27.99
N ILE A 29 -11.67 0.43 27.99
CA ILE A 29 -12.60 1.55 28.16
CA ILE A 29 -12.61 1.53 28.08
C ILE A 29 -13.62 1.21 29.22
C ILE A 29 -13.68 1.24 29.12
N ALA A 30 -14.14 -0.02 29.14
CA ALA A 30 -15.23 -0.49 29.97
C ALA A 30 -15.09 -2.01 29.94
N ASP A 31 -15.91 -2.70 30.75
CA ASP A 31 -15.92 -4.15 30.75
C ASP A 31 -16.19 -4.73 29.34
N GLY A 32 -15.24 -5.55 28.86
CA GLY A 32 -15.38 -6.22 27.58
C GLY A 32 -15.21 -5.25 26.40
N VAL A 33 -14.65 -4.07 26.63
CA VAL A 33 -14.47 -3.12 25.54
C VAL A 33 -13.12 -2.44 25.66
N TRP A 34 -12.28 -2.57 24.63
CA TRP A 34 -11.00 -1.91 24.57
C TRP A 34 -10.93 -1.05 23.30
N SER A 35 -10.09 -0.02 23.34
CA SER A 35 -9.58 0.54 22.10
C SER A 35 -8.20 -0.04 21.82
N HIS A 36 -7.82 -0.05 20.55
CA HIS A 36 -6.46 -0.34 20.14
C HIS A 36 -5.88 0.92 19.55
N ILE A 37 -4.62 1.21 19.87
CA ILE A 37 -3.97 2.44 19.44
C ILE A 37 -2.66 2.09 18.73
N ALA A 38 -2.47 2.61 17.54
CA ALA A 38 -1.27 2.41 16.74
C ALA A 38 -0.84 3.74 16.18
N THR A 39 0.32 3.75 15.52
CA THR A 39 0.80 4.97 14.90
C THR A 39 1.33 4.67 13.52
N GLN A 40 1.39 5.74 12.72
CA GLN A 40 1.85 5.68 11.35
C GLN A 40 2.51 7.03 11.08
N SER A 41 3.59 7.00 10.31
CA SER A 41 4.30 8.22 9.92
C SER A 41 3.80 8.65 8.53
N PHE A 42 3.45 9.94 8.40
CA PHE A 42 2.96 10.52 7.15
C PHE A 42 3.68 11.86 6.93
N ASP A 43 4.50 11.92 5.85
CA ASP A 43 5.19 13.15 5.45
C ASP A 43 6.08 13.67 6.58
N GLY A 44 6.64 12.76 7.37
CA GLY A 44 7.61 13.09 8.40
C GLY A 44 7.00 13.38 9.78
N ALA A 45 5.65 13.39 9.87
CA ALA A 45 4.96 13.57 11.15
C ALA A 45 4.30 12.26 11.56
N VAL A 46 4.00 12.11 12.84
CA VAL A 46 3.50 10.82 13.31
C VAL A 46 2.09 10.99 13.86
N TYR A 47 1.18 10.12 13.37
CA TYR A 47 -0.22 10.19 13.74
C TYR A 47 -0.66 8.95 14.49
N PRO A 48 -1.43 9.11 15.57
CA PRO A 48 -2.08 7.98 16.24
C PRO A 48 -3.38 7.58 15.53
N SER A 49 -3.82 6.35 15.77
CA SER A 49 -5.08 5.89 15.22
C SER A 49 -5.71 4.87 16.15
N ASN A 50 -7.03 4.95 16.33
CA ASN A 50 -7.79 4.07 17.19
C ASN A 50 -8.67 3.11 16.39
N GLY A 51 -8.78 1.88 16.95
CA GLY A 51 -9.86 0.96 16.65
C GLY A 51 -10.47 0.46 17.96
N LEU A 52 -11.35 -0.55 17.83
CA LEU A 52 -12.10 -1.08 18.95
C LEU A 52 -12.01 -2.59 19.00
N ILE A 53 -12.11 -3.14 20.21
CA ILE A 53 -12.20 -4.57 20.43
C ILE A 53 -13.35 -4.80 21.40
N VAL A 54 -14.29 -5.68 21.03
CA VAL A 54 -15.42 -5.94 21.89
C VAL A 54 -15.54 -7.42 22.15
N ARG A 55 -15.60 -7.79 23.42
N ARG A 55 -15.63 -7.79 23.43
CA ARG A 55 -15.76 -9.19 23.76
CA ARG A 55 -15.84 -9.17 23.82
C ARG A 55 -17.17 -9.67 23.39
C ARG A 55 -17.21 -9.65 23.33
N ASP A 56 -17.22 -10.87 22.81
CA ASP A 56 -18.40 -11.48 22.18
C ASP A 56 -18.50 -12.89 22.79
N GLY A 57 -18.82 -12.97 24.08
CA GLY A 57 -18.72 -14.22 24.82
C GLY A 57 -17.28 -14.69 25.03
N ASP A 58 -16.91 -15.81 24.38
CA ASP A 58 -15.55 -16.31 24.44
C ASP A 58 -14.77 -16.01 23.16
N GLU A 59 -15.25 -15.02 22.37
CA GLU A 59 -14.55 -14.60 21.17
C GLU A 59 -14.49 -13.08 21.20
N LEU A 60 -13.73 -12.50 20.25
CA LEU A 60 -13.63 -11.06 20.15
C LEU A 60 -14.13 -10.61 18.80
N LEU A 61 -14.76 -9.42 18.77
CA LEU A 61 -15.02 -8.69 17.55
C LEU A 61 -14.02 -7.54 17.46
N LEU A 62 -13.30 -7.41 16.33
CA LEU A 62 -12.42 -6.28 16.06
C LEU A 62 -13.14 -5.24 15.20
N ILE A 63 -12.96 -3.98 15.59
CA ILE A 63 -13.39 -2.86 14.76
C ILE A 63 -12.16 -2.10 14.26
N ASP A 64 -11.91 -2.21 12.94
CA ASP A 64 -10.82 -1.56 12.19
C ASP A 64 -9.48 -2.26 12.44
N THR A 65 -8.65 -2.18 11.38
CA THR A 65 -7.26 -2.58 11.47
C THR A 65 -6.50 -1.53 12.28
N ALA A 66 -5.19 -1.81 12.48
CA ALA A 66 -4.29 -0.88 13.14
C ALA A 66 -3.42 -0.12 12.14
N TRP A 67 -3.94 0.12 10.91
CA TRP A 67 -3.31 1.02 9.95
C TRP A 67 -2.00 0.42 9.43
N GLY A 68 -2.16 -0.68 8.70
CA GLY A 68 -1.03 -1.33 8.08
C GLY A 68 -0.83 -2.77 8.52
N ALA A 69 -0.15 -3.52 7.64
CA ALA A 69 0.13 -4.93 7.86
C ALA A 69 0.94 -5.16 9.12
N LYS A 70 2.04 -4.42 9.31
CA LYS A 70 2.91 -4.72 10.44
C LYS A 70 2.17 -4.39 11.73
N ASN A 71 1.53 -3.19 11.78
CA ASN A 71 0.77 -2.83 12.96
C ASN A 71 -0.31 -3.88 13.23
N THR A 72 -1.01 -4.35 12.21
CA THR A 72 -2.14 -5.25 12.41
C THR A 72 -1.66 -6.61 12.93
N ALA A 73 -0.54 -7.11 12.37
CA ALA A 73 0.08 -8.28 12.98
C ALA A 73 0.42 -8.05 14.47
N ALA A 74 1.00 -6.89 14.82
CA ALA A 74 1.33 -6.56 16.20
C ALA A 74 0.06 -6.54 17.06
N LEU A 75 -1.02 -5.96 16.50
CA LEU A 75 -2.31 -5.92 17.19
C LEU A 75 -2.74 -7.34 17.55
N LEU A 76 -2.73 -8.25 16.58
CA LEU A 76 -3.20 -9.60 16.87
C LEU A 76 -2.32 -10.25 17.94
N ALA A 77 -1.01 -10.05 17.85
CA ALA A 77 -0.10 -10.59 18.88
C ALA A 77 -0.39 -9.99 20.25
N GLU A 78 -0.70 -8.68 20.33
CA GLU A 78 -0.95 -8.06 21.63
C GLU A 78 -2.29 -8.52 22.20
N ILE A 79 -3.29 -8.69 21.35
CA ILE A 79 -4.56 -9.23 21.81
C ILE A 79 -4.37 -10.63 22.40
N GLU A 80 -3.59 -11.46 21.73
N GLU A 80 -3.61 -11.46 21.69
CA GLU A 80 -3.50 -12.84 22.20
CA GLU A 80 -3.36 -12.83 22.14
C GLU A 80 -2.67 -12.87 23.50
C GLU A 80 -2.74 -12.78 23.53
N LYS A 81 -1.69 -11.97 23.64
CA LYS A 81 -0.92 -11.83 24.87
C LYS A 81 -1.80 -11.36 26.04
N GLN A 82 -2.54 -10.26 25.82
CA GLN A 82 -3.22 -9.55 26.89
C GLN A 82 -4.62 -10.09 27.21
N ILE A 83 -5.36 -10.55 26.19
CA ILE A 83 -6.76 -10.95 26.35
C ILE A 83 -6.90 -12.46 26.19
N GLY A 84 -6.28 -12.98 25.12
CA GLY A 84 -6.20 -14.43 24.98
C GLY A 84 -7.50 -15.08 24.50
N LEU A 85 -8.38 -14.32 23.84
CA LEU A 85 -9.56 -14.83 23.17
C LEU A 85 -9.42 -14.64 21.67
N PRO A 86 -9.96 -15.53 20.83
CA PRO A 86 -9.76 -15.44 19.37
C PRO A 86 -10.54 -14.28 18.77
N VAL A 87 -9.85 -13.53 17.91
CA VAL A 87 -10.56 -12.57 17.07
C VAL A 87 -11.22 -13.32 15.93
N THR A 88 -12.54 -13.41 15.91
CA THR A 88 -13.20 -14.21 14.90
C THR A 88 -13.72 -13.38 13.72
N ARG A 89 -13.99 -12.08 13.99
CA ARG A 89 -14.57 -11.21 12.99
C ARG A 89 -14.00 -9.82 13.15
N ALA A 90 -13.89 -9.13 12.03
CA ALA A 90 -13.46 -7.73 12.00
C ALA A 90 -14.39 -6.94 11.11
N VAL A 91 -14.72 -5.71 11.55
CA VAL A 91 -15.50 -4.79 10.71
C VAL A 91 -14.67 -3.54 10.47
N SER A 92 -14.55 -3.12 9.19
CA SER A 92 -13.87 -1.88 8.83
C SER A 92 -14.94 -0.80 8.62
N THR A 93 -14.73 0.37 9.26
CA THR A 93 -15.75 1.40 9.30
C THR A 93 -15.71 2.41 8.16
N HIS A 94 -14.62 2.48 7.39
CA HIS A 94 -14.63 3.12 6.10
C HIS A 94 -13.45 2.57 5.30
N PHE A 95 -13.28 3.06 4.06
CA PHE A 95 -12.39 2.44 3.10
C PHE A 95 -10.92 2.88 3.21
N HIS A 96 -10.59 3.87 4.07
CA HIS A 96 -9.23 4.39 4.16
C HIS A 96 -8.28 3.34 4.77
N ASP A 97 -6.98 3.50 4.52
N ASP A 97 -6.97 3.53 4.55
CA ASP A 97 -5.98 2.51 4.96
CA ASP A 97 -5.98 2.52 4.92
C ASP A 97 -5.86 2.37 6.46
C ASP A 97 -5.78 2.41 6.43
N ASP A 98 -6.23 3.39 7.24
CA ASP A 98 -6.21 3.23 8.67
C ASP A 98 -7.32 2.30 9.16
N ARG A 99 -8.22 1.91 8.26
CA ARG A 99 -9.35 1.04 8.60
C ARG A 99 -9.31 -0.33 7.95
N VAL A 100 -8.75 -0.40 6.72
CA VAL A 100 -8.67 -1.62 5.94
C VAL A 100 -7.22 -2.07 5.78
N GLY A 101 -6.26 -1.18 6.04
CA GLY A 101 -4.87 -1.58 5.85
C GLY A 101 -4.47 -2.59 6.92
N GLY A 102 -4.22 -3.86 6.48
CA GLY A 102 -4.06 -4.99 7.39
C GLY A 102 -5.16 -6.03 7.27
N VAL A 103 -6.19 -5.77 6.43
CA VAL A 103 -7.22 -6.74 6.17
C VAL A 103 -6.62 -8.04 5.64
N ASP A 104 -5.58 -7.94 4.80
CA ASP A 104 -4.96 -9.15 4.27
C ASP A 104 -4.34 -9.99 5.39
N VAL A 105 -3.67 -9.35 6.35
CA VAL A 105 -3.09 -10.01 7.52
C VAL A 105 -4.22 -10.70 8.29
N LEU A 106 -5.31 -9.98 8.56
CA LEU A 106 -6.40 -10.56 9.33
C LEU A 106 -6.92 -11.81 8.61
N ARG A 107 -7.15 -11.70 7.30
CA ARG A 107 -7.71 -12.78 6.51
C ARG A 107 -6.81 -14.01 6.54
N ALA A 108 -5.50 -13.77 6.37
CA ALA A 108 -4.54 -14.88 6.40
C ALA A 108 -4.59 -15.58 7.74
N ALA A 109 -4.85 -14.83 8.82
CA ALA A 109 -4.85 -15.34 10.18
C ALA A 109 -6.16 -16.05 10.55
N GLY A 110 -7.10 -16.11 9.63
CA GLY A 110 -8.39 -16.76 9.80
C GLY A 110 -9.51 -15.89 10.33
N VAL A 111 -9.29 -14.56 10.37
CA VAL A 111 -10.31 -13.62 10.79
C VAL A 111 -11.24 -13.35 9.61
N ALA A 112 -12.55 -13.46 9.83
CA ALA A 112 -13.55 -13.08 8.83
C ALA A 112 -13.67 -11.56 8.84
N THR A 113 -13.41 -10.97 7.70
CA THR A 113 -13.38 -9.52 7.54
C THR A 113 -14.66 -9.08 6.83
N TYR A 114 -15.22 -7.96 7.33
CA TYR A 114 -16.51 -7.44 6.91
C TYR A 114 -16.40 -5.93 6.68
N ALA A 115 -17.20 -5.42 5.73
CA ALA A 115 -17.48 -4.01 5.58
C ALA A 115 -18.76 -3.89 4.78
N SER A 116 -19.29 -2.67 4.74
CA SER A 116 -20.45 -2.45 3.91
C SER A 116 -20.09 -2.63 2.44
N PRO A 117 -21.07 -2.87 1.54
CA PRO A 117 -20.74 -2.91 0.12
C PRO A 117 -20.22 -1.58 -0.39
N SER A 118 -20.65 -0.49 0.23
CA SER A 118 -20.17 0.84 -0.11
C SER A 118 -18.67 0.94 0.17
N THR A 119 -18.25 0.48 1.34
CA THR A 119 -16.87 0.52 1.74
C THR A 119 -16.04 -0.39 0.82
N ARG A 120 -16.54 -1.61 0.57
CA ARG A 120 -15.78 -2.55 -0.26
C ARG A 120 -15.54 -1.96 -1.65
N ARG A 121 -16.56 -1.31 -2.25
CA ARG A 121 -16.42 -0.72 -3.58
C ARG A 121 -15.39 0.41 -3.55
N LEU A 122 -15.48 1.31 -2.56
CA LEU A 122 -14.56 2.43 -2.47
C LEU A 122 -13.13 1.98 -2.19
N ALA A 123 -12.96 0.92 -1.40
CA ALA A 123 -11.64 0.38 -1.16
C ALA A 123 -11.05 -0.12 -2.48
N GLU A 124 -11.87 -0.79 -3.29
CA GLU A 124 -11.38 -1.33 -4.55
C GLU A 124 -10.94 -0.18 -5.45
N VAL A 125 -11.75 0.87 -5.50
CA VAL A 125 -11.41 2.02 -6.36
C VAL A 125 -10.06 2.64 -5.96
N GLU A 126 -9.79 2.72 -4.66
CA GLU A 126 -8.58 3.29 -4.11
C GLU A 126 -7.41 2.32 -4.27
N GLY A 127 -7.68 1.05 -4.63
CA GLY A 127 -6.64 0.01 -4.68
C GLY A 127 -6.17 -0.43 -3.29
N ASN A 128 -7.05 -0.25 -2.32
CA ASN A 128 -6.79 -0.67 -0.96
C ASN A 128 -7.23 -2.12 -0.76
N GLU A 129 -6.92 -2.67 0.43
CA GLU A 129 -7.35 -4.02 0.80
C GLU A 129 -8.86 -4.04 0.97
N ILE A 130 -9.47 -5.18 0.67
CA ILE A 130 -10.93 -5.26 0.55
C ILE A 130 -11.43 -6.34 1.50
N PRO A 131 -12.18 -5.99 2.58
CA PRO A 131 -12.81 -7.00 3.39
C PRO A 131 -13.65 -7.99 2.59
N THR A 132 -13.63 -9.24 3.05
CA THR A 132 -14.28 -10.30 2.30
C THR A 132 -15.79 -10.15 2.24
N HIS A 133 -16.41 -9.97 3.40
CA HIS A 133 -17.85 -10.07 3.56
C HIS A 133 -18.49 -8.69 3.45
N SER A 134 -19.74 -8.71 2.96
N SER A 134 -19.75 -8.66 2.99
CA SER A 134 -20.54 -7.52 2.79
CA SER A 134 -20.50 -7.45 2.74
C SER A 134 -21.58 -7.48 3.90
C SER A 134 -21.71 -7.38 3.67
N LEU A 135 -21.76 -6.27 4.44
CA LEU A 135 -22.71 -6.05 5.51
C LEU A 135 -23.97 -5.41 4.90
N GLU A 136 -25.07 -6.15 4.89
CA GLU A 136 -26.34 -5.62 4.41
C GLU A 136 -26.96 -4.70 5.45
N GLY A 137 -27.91 -3.90 4.97
CA GLY A 137 -28.79 -3.19 5.88
C GLY A 137 -28.22 -1.87 6.38
N LEU A 138 -27.22 -1.34 5.66
CA LEU A 138 -26.56 -0.09 6.08
C LEU A 138 -26.47 0.95 4.96
N SER A 139 -27.30 0.82 3.91
CA SER A 139 -27.14 1.65 2.71
C SER A 139 -27.76 3.04 2.78
N SER A 140 -28.65 3.28 3.73
CA SER A 140 -29.40 4.54 3.81
C SER A 140 -29.11 5.19 5.15
N SER A 141 -28.97 6.50 5.14
CA SER A 141 -28.74 7.27 6.38
C SER A 141 -29.78 6.89 7.43
N GLY A 142 -29.30 6.61 8.66
CA GLY A 142 -30.11 6.22 9.80
C GLY A 142 -30.33 4.72 9.93
N ASP A 143 -29.80 3.94 8.99
CA ASP A 143 -29.89 2.48 9.05
C ASP A 143 -28.97 1.95 10.15
N ALA A 144 -29.46 0.94 10.89
CA ALA A 144 -28.70 0.28 11.94
C ALA A 144 -28.92 -1.23 11.81
N VAL A 145 -27.89 -2.01 12.16
CA VAL A 145 -28.02 -3.46 12.26
C VAL A 145 -27.20 -3.90 13.46
N ARG A 146 -27.63 -4.96 14.16
N ARG A 146 -27.64 -5.00 14.06
CA ARG A 146 -26.82 -5.57 15.21
CA ARG A 146 -26.88 -5.68 15.08
C ARG A 146 -25.87 -6.58 14.55
C ARG A 146 -25.79 -6.52 14.40
N PHE A 147 -24.62 -6.57 15.04
CA PHE A 147 -23.55 -7.45 14.60
C PHE A 147 -22.90 -7.96 15.86
N GLY A 148 -23.30 -9.17 16.28
CA GLY A 148 -22.81 -9.64 17.56
C GLY A 148 -23.10 -8.69 18.71
N PRO A 149 -22.07 -8.30 19.50
CA PRO A 149 -22.27 -7.46 20.67
C PRO A 149 -22.39 -5.98 20.38
N VAL A 150 -22.35 -5.59 19.09
CA VAL A 150 -22.47 -4.16 18.78
C VAL A 150 -23.67 -3.89 17.90
N GLU A 151 -24.01 -2.60 17.78
CA GLU A 151 -24.86 -2.09 16.73
C GLU A 151 -23.96 -1.31 15.78
N LEU A 152 -24.14 -1.58 14.50
CA LEU A 152 -23.54 -0.79 13.45
C LEU A 152 -24.56 0.21 12.92
N PHE A 153 -24.12 1.45 12.68
CA PHE A 153 -25.02 2.53 12.30
C PHE A 153 -24.38 3.31 11.15
N TYR A 154 -25.17 3.51 10.10
CA TYR A 154 -24.74 4.37 9.01
C TYR A 154 -25.40 5.72 9.22
N PRO A 155 -24.69 6.77 9.69
CA PRO A 155 -25.29 8.06 10.00
C PRO A 155 -25.54 8.94 8.78
N GLY A 156 -25.05 8.54 7.61
CA GLY A 156 -24.96 9.39 6.44
C GLY A 156 -23.50 9.74 6.16
N ALA A 157 -23.28 10.40 5.04
CA ALA A 157 -21.94 10.78 4.60
C ALA A 157 -21.37 11.82 5.55
N ALA A 158 -20.08 11.73 5.81
CA ALA A 158 -19.45 12.66 6.75
C ALA A 158 -17.96 12.75 6.38
N HIS A 159 -17.11 12.13 7.19
CA HIS A 159 -15.70 12.03 6.85
C HIS A 159 -15.49 11.37 5.48
N SER A 160 -16.32 10.35 5.22
CA SER A 160 -16.40 9.68 3.94
C SER A 160 -17.84 9.30 3.67
N THR A 161 -18.17 8.91 2.44
CA THR A 161 -19.58 8.63 2.14
C THR A 161 -20.06 7.33 2.78
N ASP A 162 -19.13 6.44 3.13
CA ASP A 162 -19.43 5.11 3.63
C ASP A 162 -19.25 4.95 5.14
N ASN A 163 -18.87 6.04 5.85
CA ASN A 163 -18.45 5.89 7.23
C ASN A 163 -19.55 5.30 8.12
N LEU A 164 -19.16 4.29 8.90
CA LEU A 164 -20.04 3.68 9.91
C LEU A 164 -19.58 4.10 11.31
N VAL A 165 -20.55 4.09 12.23
CA VAL A 165 -20.22 4.19 13.65
C VAL A 165 -20.70 2.93 14.36
N VAL A 166 -20.12 2.70 15.54
CA VAL A 166 -20.34 1.43 16.23
C VAL A 166 -20.71 1.74 17.68
N TYR A 167 -21.81 1.13 18.15
CA TYR A 167 -22.21 1.29 19.54
C TYR A 167 -22.20 -0.04 20.27
N VAL A 168 -21.68 -0.03 21.51
CA VAL A 168 -21.68 -1.20 22.39
C VAL A 168 -22.70 -0.98 23.50
N PRO A 169 -23.90 -1.56 23.35
CA PRO A 169 -25.00 -1.19 24.28
C PRO A 169 -24.73 -1.61 25.72
N SER A 170 -24.00 -2.72 25.89
CA SER A 170 -23.68 -3.20 27.22
C SER A 170 -22.86 -2.20 28.01
N ALA A 171 -22.02 -1.39 27.35
CA ALA A 171 -21.10 -0.52 28.03
C ALA A 171 -21.34 0.97 27.76
N SER A 172 -22.32 1.27 26.89
CA SER A 172 -22.67 2.63 26.46
C SER A 172 -21.45 3.33 25.83
N VAL A 173 -20.73 2.54 24.99
CA VAL A 173 -19.56 3.03 24.28
C VAL A 173 -19.91 3.28 22.81
N LEU A 174 -19.75 4.53 22.41
CA LEU A 174 -19.94 4.94 21.03
C LEU A 174 -18.58 5.17 20.37
N TYR A 175 -18.33 4.40 19.32
CA TYR A 175 -17.11 4.48 18.54
C TYR A 175 -17.44 5.21 17.23
N GLY A 176 -16.98 6.47 17.16
CA GLY A 176 -17.34 7.34 16.03
C GLY A 176 -16.49 7.13 14.80
N GLY A 177 -15.36 6.44 14.96
CA GLY A 177 -14.37 6.41 13.92
C GLY A 177 -13.99 7.80 13.43
N CYS A 178 -13.64 7.89 12.16
CA CYS A 178 -13.02 9.13 11.69
C CYS A 178 -14.03 10.22 11.35
N ALA A 179 -15.34 9.90 11.49
CA ALA A 179 -16.44 10.87 11.42
C ALA A 179 -16.44 11.77 12.65
N ILE A 180 -15.77 11.37 13.73
CA ILE A 180 -15.76 12.13 14.99
C ILE A 180 -14.33 12.52 15.31
N TYR A 181 -14.08 13.81 15.53
CA TYR A 181 -12.79 14.37 15.89
C TYR A 181 -12.60 14.43 17.40
N GLU A 182 -11.36 14.24 17.82
CA GLU A 182 -11.01 14.47 19.22
C GLU A 182 -11.11 15.96 19.50
N LEU A 183 -11.23 16.33 20.79
CA LEU A 183 -11.34 17.75 21.14
C LEU A 183 -10.09 18.58 20.77
N SER A 184 -8.89 18.02 20.87
N SER A 184 -8.90 17.99 20.84
CA SER A 184 -7.68 18.77 20.57
CA SER A 184 -7.66 18.68 20.57
C SER A 184 -7.58 19.16 19.10
C SER A 184 -7.41 18.96 19.08
N ARG A 185 -8.31 18.44 18.20
CA ARG A 185 -8.22 18.74 16.79
C ARG A 185 -9.07 19.98 16.51
N THR A 186 -8.43 21.09 16.09
CA THR A 186 -9.07 22.38 15.96
C THR A 186 -9.33 22.74 14.51
N SER A 187 -8.75 22.00 13.57
CA SER A 187 -8.93 22.24 12.15
C SER A 187 -9.20 20.91 11.45
N ALA A 188 -9.75 20.96 10.24
CA ALA A 188 -10.12 19.70 9.58
C ALA A 188 -8.89 18.84 9.30
N GLY A 189 -9.10 17.52 9.36
CA GLY A 189 -8.09 16.55 8.98
C GLY A 189 -8.27 16.25 7.50
N ASN A 190 -8.12 14.98 7.13
CA ASN A 190 -8.23 14.56 5.75
C ASN A 190 -9.68 14.67 5.33
N VAL A 191 -9.99 15.60 4.43
CA VAL A 191 -11.34 15.79 3.97
C VAL A 191 -11.44 15.56 2.46
N ALA A 192 -10.43 14.89 1.88
CA ALA A 192 -10.43 14.62 0.46
C ALA A 192 -11.68 13.86 0.04
N ASP A 193 -12.16 12.94 0.90
CA ASP A 193 -13.28 12.09 0.56
C ASP A 193 -14.55 12.44 1.34
N ALA A 194 -14.55 13.60 2.00
CA ALA A 194 -15.66 13.96 2.87
C ALA A 194 -16.82 14.58 2.12
N ASP A 195 -17.99 14.49 2.74
CA ASP A 195 -19.17 15.25 2.35
C ASP A 195 -19.36 16.33 3.44
N LEU A 196 -18.69 17.47 3.25
CA LEU A 196 -18.78 18.55 4.21
C LEU A 196 -20.22 19.01 4.37
N ALA A 197 -20.95 18.99 3.26
CA ALA A 197 -22.32 19.52 3.27
C ALA A 197 -23.20 18.71 4.21
N GLU A 198 -22.98 17.40 4.30
CA GLU A 198 -23.86 16.52 5.03
C GLU A 198 -23.32 16.14 6.41
N TRP A 199 -22.06 16.47 6.66
CA TRP A 199 -21.37 15.95 7.83
C TRP A 199 -22.10 16.40 9.09
N PRO A 200 -22.51 17.68 9.28
CA PRO A 200 -23.22 18.01 10.51
C PRO A 200 -24.56 17.30 10.65
N THR A 201 -25.31 17.08 9.55
CA THR A 201 -26.56 16.34 9.57
C THR A 201 -26.31 14.92 10.06
N SER A 202 -25.24 14.33 9.55
CA SER A 202 -24.91 12.96 9.91
C SER A 202 -24.54 12.88 11.39
N ILE A 203 -23.82 13.85 11.90
CA ILE A 203 -23.50 13.86 13.32
C ILE A 203 -24.75 13.97 14.15
N GLU A 204 -25.72 14.78 13.68
CA GLU A 204 -26.94 14.92 14.46
C GLU A 204 -27.73 13.59 14.50
N ARG A 205 -27.66 12.75 13.44
CA ARG A 205 -28.30 11.44 13.46
C ARG A 205 -27.66 10.57 14.56
N ILE A 206 -26.34 10.69 14.71
CA ILE A 206 -25.63 9.97 15.77
C ILE A 206 -26.15 10.42 17.14
N GLN A 207 -26.21 11.72 17.35
CA GLN A 207 -26.68 12.24 18.62
C GLN A 207 -28.10 11.73 18.89
N GLN A 208 -28.97 11.73 17.88
CA GLN A 208 -30.34 11.30 18.06
C GLN A 208 -30.44 9.83 18.41
N HIS A 209 -29.53 9.01 17.86
CA HIS A 209 -29.64 7.57 18.01
C HIS A 209 -28.93 7.06 19.29
N TYR A 210 -27.92 7.78 19.78
CA TYR A 210 -27.11 7.33 20.92
C TYR A 210 -26.95 8.46 21.93
N PRO A 211 -28.06 9.09 22.42
CA PRO A 211 -27.95 10.17 23.38
C PRO A 211 -27.50 9.77 24.78
N GLU A 212 -27.56 8.45 25.06
CA GLU A 212 -27.12 7.90 26.32
C GLU A 212 -25.65 7.48 26.32
N ALA A 213 -24.89 7.76 25.24
CA ALA A 213 -23.52 7.26 25.19
C ALA A 213 -22.72 7.91 26.31
N GLN A 214 -21.89 7.12 27.01
CA GLN A 214 -21.08 7.63 28.10
C GLN A 214 -19.62 7.84 27.70
N PHE A 215 -19.19 7.11 26.65
CA PHE A 215 -17.83 7.16 26.15
C PHE A 215 -17.94 7.32 24.65
N VAL A 216 -17.17 8.25 24.11
CA VAL A 216 -17.15 8.46 22.66
C VAL A 216 -15.71 8.38 22.21
N ILE A 217 -15.42 7.45 21.28
N ILE A 217 -15.45 7.46 21.26
CA ILE A 217 -14.06 7.27 20.81
CA ILE A 217 -14.11 7.20 20.78
C ILE A 217 -13.95 7.78 19.38
C ILE A 217 -13.96 7.78 19.37
N PRO A 218 -13.03 8.74 19.16
CA PRO A 218 -12.75 9.22 17.82
C PRO A 218 -11.85 8.23 17.09
N GLY A 219 -11.78 8.39 15.77
CA GLY A 219 -10.86 7.60 14.96
C GLY A 219 -9.40 7.86 15.31
N HIS A 220 -9.08 9.10 15.71
CA HIS A 220 -7.72 9.53 16.01
C HIS A 220 -7.75 10.33 17.31
N GLY A 221 -7.01 9.90 18.32
CA GLY A 221 -6.87 10.74 19.51
C GLY A 221 -7.70 10.32 20.72
N LEU A 222 -7.90 11.25 21.66
CA LEU A 222 -8.38 10.94 22.99
C LEU A 222 -9.88 10.74 23.01
N PRO A 223 -10.36 9.66 23.65
CA PRO A 223 -11.76 9.53 23.99
C PRO A 223 -12.27 10.71 24.81
N GLY A 224 -13.57 10.93 24.67
CA GLY A 224 -14.28 11.86 25.54
C GLY A 224 -15.72 11.43 25.75
N GLY A 225 -16.60 12.43 25.85
CA GLY A 225 -18.03 12.23 25.90
C GLY A 225 -18.70 12.76 24.63
N LEU A 226 -20.01 12.87 24.70
CA LEU A 226 -20.82 13.33 23.58
C LEU A 226 -20.46 14.74 23.12
N ASP A 227 -19.70 15.52 23.91
CA ASP A 227 -19.23 16.81 23.45
C ASP A 227 -18.44 16.70 22.16
N LEU A 228 -17.81 15.53 21.91
CA LEU A 228 -17.00 15.42 20.70
C LEU A 228 -17.85 15.61 19.44
N LEU A 229 -19.15 15.30 19.51
CA LEU A 229 -20.02 15.41 18.32
C LEU A 229 -20.17 16.89 17.91
N LYS A 230 -20.63 17.75 18.83
CA LYS A 230 -20.72 19.17 18.52
C LYS A 230 -19.36 19.78 18.19
N HIS A 231 -18.31 19.31 18.86
CA HIS A 231 -16.97 19.74 18.57
C HIS A 231 -16.67 19.55 17.09
N THR A 232 -16.93 18.32 16.63
CA THR A 232 -16.67 17.98 15.25
C THR A 232 -17.50 18.86 14.31
N THR A 233 -18.79 19.00 14.59
CA THR A 233 -19.64 19.92 13.81
C THR A 233 -19.04 21.33 13.71
N ASN A 234 -18.56 21.90 14.82
N ASN A 234 -18.62 21.85 14.86
CA ASN A 234 -17.92 23.22 14.79
CA ASN A 234 -18.01 23.15 14.89
C ASN A 234 -16.72 23.26 13.85
C ASN A 234 -16.83 23.21 13.90
N VAL A 235 -15.87 22.25 13.97
CA VAL A 235 -14.68 22.25 13.16
C VAL A 235 -15.06 22.15 11.67
N VAL A 236 -15.99 21.25 11.38
CA VAL A 236 -16.40 21.01 9.99
C VAL A 236 -17.04 22.26 9.39
N LYS A 237 -17.92 22.93 10.16
CA LYS A 237 -18.59 24.12 9.65
C LYS A 237 -17.56 25.23 9.45
N ALA A 238 -16.61 25.36 10.36
CA ALA A 238 -15.57 26.36 10.17
C ALA A 238 -14.77 26.09 8.90
N HIS A 239 -14.45 24.83 8.62
CA HIS A 239 -13.72 24.48 7.42
C HIS A 239 -14.57 24.80 6.20
N THR A 240 -15.87 24.51 6.30
CA THR A 240 -16.79 24.75 5.20
C THR A 240 -16.75 26.20 4.76
N ASN A 241 -16.62 27.09 5.74
CA ASN A 241 -16.62 28.54 5.52
C ASN A 241 -15.21 29.09 5.27
N ARG A 242 -14.18 28.25 5.11
CA ARG A 242 -12.79 28.71 4.93
C ARG A 242 -12.65 29.76 3.81
N GLU B 12 4.99 -9.37 -32.00
CA GLU B 12 4.78 -7.90 -31.95
C GLU B 12 5.72 -7.22 -30.94
N TYR B 13 6.34 -7.97 -30.01
CA TYR B 13 7.29 -7.33 -29.08
C TYR B 13 8.54 -6.90 -29.84
N PRO B 14 9.00 -5.64 -29.66
CA PRO B 14 10.19 -5.18 -30.35
C PRO B 14 11.51 -5.77 -29.87
N THR B 15 12.42 -5.97 -30.83
CA THR B 15 13.72 -6.58 -30.63
C THR B 15 14.76 -5.58 -31.10
N VAL B 16 16.05 -5.86 -30.83
CA VAL B 16 17.15 -4.95 -31.14
C VAL B 16 17.13 -4.48 -32.58
N SER B 17 16.91 -5.42 -33.51
CA SER B 17 17.10 -5.12 -34.92
C SER B 17 16.04 -4.13 -35.41
N GLU B 18 14.97 -3.92 -34.62
CA GLU B 18 13.94 -2.95 -34.95
C GLU B 18 14.13 -1.62 -34.25
N ILE B 19 15.09 -1.50 -33.31
CA ILE B 19 15.22 -0.26 -32.56
C ILE B 19 16.65 0.26 -32.66
N PRO B 20 16.88 1.25 -33.54
CA PRO B 20 18.16 1.98 -33.53
C PRO B 20 18.46 2.52 -32.14
N VAL B 21 19.73 2.39 -31.73
CA VAL B 21 20.16 3.03 -30.49
C VAL B 21 19.79 4.51 -30.57
N GLY B 22 19.08 5.03 -29.53
CA GLY B 22 18.58 6.39 -29.39
C GLY B 22 17.04 6.51 -29.43
N GLU B 23 16.35 5.48 -29.96
CA GLU B 23 14.91 5.39 -30.12
C GLU B 23 14.32 4.53 -29.00
N VAL B 24 13.07 4.84 -28.65
CA VAL B 24 12.37 4.05 -27.64
C VAL B 24 10.99 3.66 -28.15
N ARG B 25 10.62 2.39 -27.93
CA ARG B 25 9.31 1.86 -28.25
C ARG B 25 8.54 1.65 -26.96
N LEU B 26 7.21 1.81 -27.06
CA LEU B 26 6.29 1.45 -25.99
C LEU B 26 5.51 0.22 -26.43
N TYR B 27 5.14 -0.62 -25.46
CA TYR B 27 4.42 -1.84 -25.72
C TYR B 27 3.36 -1.99 -24.65
N GLN B 28 2.08 -1.99 -25.07
CA GLN B 28 1.01 -2.11 -24.10
C GLN B 28 0.90 -3.58 -23.66
N ILE B 29 1.02 -3.82 -22.34
CA ILE B 29 0.98 -5.17 -21.82
C ILE B 29 -0.46 -5.49 -21.39
N ALA B 30 -1.11 -4.49 -20.81
CA ALA B 30 -2.42 -4.60 -20.21
C ALA B 30 -2.95 -3.19 -19.99
N ASP B 31 -4.23 -3.09 -19.59
CA ASP B 31 -4.84 -1.80 -19.34
C ASP B 31 -4.00 -1.06 -18.31
N GLY B 32 -3.54 0.13 -18.69
CA GLY B 32 -2.78 1.02 -17.82
C GLY B 32 -1.36 0.55 -17.59
N VAL B 33 -0.87 -0.42 -18.37
CA VAL B 33 0.49 -0.91 -18.16
C VAL B 33 1.21 -1.10 -19.47
N TRP B 34 2.37 -0.42 -19.62
CA TRP B 34 3.22 -0.58 -20.77
C TRP B 34 4.62 -0.96 -20.33
N SER B 35 5.34 -1.61 -21.22
CA SER B 35 6.78 -1.63 -21.12
C SER B 35 7.33 -0.55 -22.05
N HIS B 36 8.51 -0.07 -21.69
CA HIS B 36 9.38 0.72 -22.58
C HIS B 36 10.57 -0.13 -22.97
N ILE B 37 10.94 -0.02 -24.26
CA ILE B 37 12.05 -0.79 -24.82
C ILE B 37 13.01 0.19 -25.48
N ALA B 38 14.27 0.08 -25.09
CA ALA B 38 15.37 0.84 -25.67
C ALA B 38 16.51 -0.13 -25.97
N THR B 39 17.55 0.39 -26.65
CA THR B 39 18.70 -0.40 -27.01
C THR B 39 19.96 0.37 -26.61
N GLN B 40 21.01 -0.38 -26.24
CA GLN B 40 22.29 0.21 -25.88
C GLN B 40 23.45 -0.72 -26.24
N SER B 41 24.61 -0.09 -26.46
CA SER B 41 25.86 -0.79 -26.73
C SER B 41 26.44 -1.26 -25.40
N PHE B 42 26.78 -2.55 -25.29
CA PHE B 42 27.37 -3.10 -24.07
C PHE B 42 28.14 -4.38 -24.38
N ASP B 43 29.37 -4.49 -23.87
CA ASP B 43 30.19 -5.71 -23.95
C ASP B 43 30.22 -6.25 -25.39
N GLY B 44 30.47 -5.34 -26.35
CA GLY B 44 30.64 -5.69 -27.77
C GLY B 44 29.35 -5.95 -28.55
N ALA B 45 28.17 -5.81 -27.92
CA ALA B 45 26.90 -6.14 -28.53
C ALA B 45 25.93 -4.98 -28.37
N VAL B 46 24.78 -5.10 -29.04
CA VAL B 46 23.64 -4.28 -28.70
C VAL B 46 22.65 -5.12 -27.95
N TYR B 47 22.23 -4.62 -26.76
CA TYR B 47 21.19 -5.25 -25.96
C TYR B 47 19.91 -4.43 -25.98
N PRO B 48 18.73 -5.08 -25.93
CA PRO B 48 17.48 -4.39 -25.69
C PRO B 48 17.36 -4.33 -24.17
N SER B 49 16.52 -3.43 -23.69
CA SER B 49 16.34 -3.27 -22.26
C SER B 49 14.95 -2.74 -22.03
N ASN B 50 14.28 -3.28 -21.03
CA ASN B 50 12.91 -2.97 -20.66
C ASN B 50 12.85 -2.14 -19.39
N GLY B 51 11.85 -1.26 -19.35
CA GLY B 51 11.29 -0.75 -18.09
C GLY B 51 9.76 -0.79 -18.19
N LEU B 52 9.10 -0.13 -17.23
CA LEU B 52 7.65 -0.21 -17.13
C LEU B 52 7.09 1.19 -16.99
N ILE B 53 5.83 1.35 -17.44
CA ILE B 53 5.03 2.54 -17.20
C ILE B 53 3.70 2.09 -16.64
N VAL B 54 3.27 2.72 -15.56
CA VAL B 54 2.00 2.32 -14.94
C VAL B 54 1.15 3.56 -14.69
N ARG B 55 -0.08 3.54 -15.25
CA ARG B 55 -0.98 4.64 -15.02
C ARG B 55 -1.36 4.74 -13.54
N ASP B 56 -1.31 5.98 -13.00
CA ASP B 56 -1.45 6.31 -11.60
C ASP B 56 -2.48 7.44 -11.54
N GLY B 57 -3.75 7.06 -11.73
CA GLY B 57 -4.84 8.01 -11.93
C GLY B 57 -4.68 8.76 -13.25
N ASP B 58 -4.46 10.08 -13.14
CA ASP B 58 -4.18 10.90 -14.30
C ASP B 58 -2.69 11.27 -14.38
N GLU B 59 -1.84 10.57 -13.61
CA GLU B 59 -0.39 10.69 -13.66
C GLU B 59 0.16 9.33 -14.08
N LEU B 60 1.48 9.28 -14.29
CA LEU B 60 2.17 8.03 -14.63
C LEU B 60 3.28 7.83 -13.62
N LEU B 61 3.45 6.56 -13.30
CA LEU B 61 4.61 6.06 -12.57
C LEU B 61 5.53 5.32 -13.54
N LEU B 62 6.80 5.76 -13.56
CA LEU B 62 7.82 5.12 -14.36
C LEU B 62 8.69 4.19 -13.52
N ILE B 63 8.91 2.98 -14.07
CA ILE B 63 9.84 2.01 -13.52
C ILE B 63 11.04 1.93 -14.49
N ASP B 64 12.17 2.43 -13.98
CA ASP B 64 13.49 2.41 -14.60
C ASP B 64 13.63 3.41 -15.74
N THR B 65 14.87 3.88 -15.89
CA THR B 65 15.24 4.68 -17.05
C THR B 65 15.36 3.82 -18.30
N ALA B 66 15.63 4.47 -19.45
CA ALA B 66 15.82 3.79 -20.72
C ALA B 66 17.32 3.68 -21.07
N TRP B 67 18.20 3.62 -20.05
CA TRP B 67 19.59 3.22 -20.20
C TRP B 67 20.34 4.35 -20.91
N GLY B 68 20.35 5.48 -20.24
CA GLY B 68 21.15 6.65 -20.61
C GLY B 68 20.28 7.87 -20.81
N ALA B 69 20.94 9.05 -20.82
CA ALA B 69 20.27 10.33 -20.94
C ALA B 69 19.53 10.51 -22.26
N LYS B 70 20.19 10.23 -23.38
N LYS B 70 20.18 10.17 -23.38
CA LYS B 70 19.55 10.41 -24.67
CA LYS B 70 19.62 10.33 -24.71
C LYS B 70 18.31 9.52 -24.74
C LYS B 70 18.39 9.44 -24.93
N ASN B 71 18.49 8.20 -24.46
CA ASN B 71 17.36 7.28 -24.51
C ASN B 71 16.25 7.77 -23.59
N THR B 72 16.58 8.29 -22.41
CA THR B 72 15.57 8.66 -21.44
C THR B 72 14.78 9.88 -21.93
N ALA B 73 15.45 10.84 -22.56
CA ALA B 73 14.71 11.93 -23.18
C ALA B 73 13.74 11.44 -24.25
N ALA B 74 14.20 10.51 -25.09
CA ALA B 74 13.40 9.88 -26.14
C ALA B 74 12.20 9.18 -25.48
N LEU B 75 12.46 8.51 -24.34
CA LEU B 75 11.37 7.86 -23.59
C LEU B 75 10.28 8.87 -23.19
N LEU B 76 10.67 9.98 -22.58
CA LEU B 76 9.72 10.98 -22.13
C LEU B 76 8.95 11.53 -23.33
N ALA B 77 9.62 11.74 -24.44
CA ALA B 77 8.93 12.21 -25.64
C ALA B 77 7.92 11.19 -26.17
N GLU B 78 8.25 9.88 -26.16
CA GLU B 78 7.36 8.84 -26.66
C GLU B 78 6.16 8.74 -25.71
N ILE B 79 6.39 8.86 -24.39
CA ILE B 79 5.29 8.86 -23.44
C ILE B 79 4.34 10.03 -23.74
N GLU B 80 4.87 11.25 -23.86
CA GLU B 80 4.01 12.38 -24.20
C GLU B 80 3.22 12.15 -25.48
N LYS B 81 3.84 11.61 -26.51
CA LYS B 81 3.17 11.39 -27.77
C LYS B 81 2.08 10.33 -27.62
N GLN B 82 2.40 9.18 -27.00
CA GLN B 82 1.51 8.02 -27.10
C GLN B 82 0.48 7.97 -25.97
N ILE B 83 0.80 8.55 -24.82
CA ILE B 83 -0.02 8.46 -23.62
C ILE B 83 -0.44 9.86 -23.17
N GLY B 84 0.46 10.86 -23.16
CA GLY B 84 0.04 12.22 -22.96
C GLY B 84 -0.21 12.65 -21.52
N LEU B 85 0.12 11.77 -20.53
CA LEU B 85 -0.06 12.09 -19.14
C LEU B 85 1.32 12.31 -18.53
N PRO B 86 1.41 13.14 -17.47
CA PRO B 86 2.68 13.49 -16.85
C PRO B 86 3.27 12.33 -16.05
N VAL B 87 4.58 12.12 -16.23
CA VAL B 87 5.35 11.24 -15.37
C VAL B 87 5.71 12.00 -14.09
N THR B 88 5.20 11.57 -12.95
CA THR B 88 5.40 12.28 -11.74
C THR B 88 6.40 11.63 -10.79
N ARG B 89 6.49 10.28 -10.86
CA ARG B 89 7.40 9.55 -10.02
C ARG B 89 8.08 8.50 -10.90
N ALA B 90 9.31 8.17 -10.49
CA ALA B 90 10.05 7.07 -11.09
C ALA B 90 10.70 6.28 -9.97
N VAL B 91 10.78 4.96 -10.17
CA VAL B 91 11.47 4.05 -9.30
C VAL B 91 12.53 3.31 -10.11
N SER B 92 13.77 3.31 -9.62
CA SER B 92 14.84 2.54 -10.24
C SER B 92 15.02 1.24 -9.46
N THR B 93 15.12 0.10 -10.16
CA THR B 93 15.05 -1.20 -9.49
C THR B 93 16.38 -1.86 -9.17
N HIS B 94 17.50 -1.27 -9.66
CA HIS B 94 18.82 -1.55 -9.09
C HIS B 94 19.73 -0.43 -9.60
N PHE B 95 20.99 -0.51 -9.20
CA PHE B 95 21.90 0.62 -9.35
C PHE B 95 22.64 0.72 -10.70
N HIS B 96 22.49 -0.25 -11.58
CA HIS B 96 23.17 -0.25 -12.88
C HIS B 96 22.60 0.85 -13.79
N ASP B 97 23.38 1.19 -14.81
CA ASP B 97 23.06 2.28 -15.74
C ASP B 97 21.80 2.03 -16.55
N ASP B 98 21.39 0.76 -16.76
CA ASP B 98 20.18 0.50 -17.48
C ASP B 98 18.94 0.85 -16.65
N ARG B 99 19.14 1.16 -15.36
CA ARG B 99 18.06 1.45 -14.43
C ARG B 99 18.09 2.90 -13.95
N VAL B 100 19.29 3.47 -13.78
CA VAL B 100 19.45 4.81 -13.25
C VAL B 100 20.05 5.76 -14.29
N GLY B 101 20.60 5.27 -15.39
CA GLY B 101 21.18 6.19 -16.36
C GLY B 101 20.07 6.96 -17.06
N GLY B 102 20.01 8.29 -16.81
CA GLY B 102 18.87 9.07 -17.26
C GLY B 102 18.11 9.72 -16.12
N VAL B 103 18.40 9.38 -14.86
CA VAL B 103 17.76 9.96 -13.69
C VAL B 103 17.87 11.48 -13.71
N ASP B 104 19.05 12.00 -14.11
CA ASP B 104 19.18 13.46 -14.12
C ASP B 104 18.21 14.08 -15.14
N VAL B 105 18.00 13.44 -16.30
CA VAL B 105 17.00 13.86 -17.28
C VAL B 105 15.60 13.88 -16.63
N LEU B 106 15.25 12.80 -15.94
CA LEU B 106 13.96 12.72 -15.28
C LEU B 106 13.81 13.86 -14.25
N ARG B 107 14.84 14.09 -13.42
CA ARG B 107 14.80 15.08 -12.36
C ARG B 107 14.58 16.49 -12.93
N ALA B 108 15.26 16.77 -14.06
CA ALA B 108 15.20 18.07 -14.70
C ALA B 108 13.79 18.30 -15.25
N ALA B 109 13.09 17.22 -15.63
CA ALA B 109 11.70 17.26 -16.06
C ALA B 109 10.71 17.23 -14.89
N GLY B 110 11.15 17.35 -13.64
CA GLY B 110 10.23 17.49 -12.53
C GLY B 110 9.69 16.16 -12.01
N VAL B 111 10.33 15.06 -12.47
CA VAL B 111 9.96 13.74 -11.97
C VAL B 111 10.61 13.55 -10.59
N ALA B 112 9.88 13.03 -9.61
CA ALA B 112 10.45 12.67 -8.34
C ALA B 112 11.08 11.28 -8.49
N THR B 113 12.39 11.18 -8.40
CA THR B 113 13.08 9.90 -8.61
C THR B 113 13.34 9.21 -7.28
N TYR B 114 13.11 7.88 -7.28
CA TYR B 114 13.15 7.07 -6.08
C TYR B 114 14.02 5.84 -6.32
N ALA B 115 14.65 5.39 -5.24
CA ALA B 115 15.30 4.10 -5.16
C ALA B 115 15.49 3.73 -3.69
N SER B 116 15.78 2.44 -3.42
CA SER B 116 16.08 2.03 -2.05
C SER B 116 17.38 2.67 -1.59
N PRO B 117 17.61 2.83 -0.27
CA PRO B 117 18.90 3.28 0.22
C PRO B 117 20.03 2.40 -0.29
N SER B 118 19.79 1.11 -0.42
CA SER B 118 20.77 0.16 -0.94
C SER B 118 21.19 0.58 -2.35
N THR B 119 20.20 0.82 -3.21
CA THR B 119 20.47 1.19 -4.58
C THR B 119 21.23 2.51 -4.63
N ARG B 120 20.79 3.48 -3.82
CA ARG B 120 21.43 4.80 -3.82
C ARG B 120 22.88 4.69 -3.36
N ARG B 121 23.17 3.88 -2.33
CA ARG B 121 24.52 3.64 -1.82
C ARG B 121 25.38 3.05 -2.94
N LEU B 122 24.88 2.00 -3.58
CA LEU B 122 25.67 1.32 -4.62
C LEU B 122 25.88 2.20 -5.86
N ALA B 123 24.87 2.97 -6.27
CA ALA B 123 25.02 3.89 -7.38
C ALA B 123 26.13 4.90 -7.08
N GLU B 124 26.13 5.45 -5.87
CA GLU B 124 27.15 6.42 -5.52
C GLU B 124 28.55 5.78 -5.60
N VAL B 125 28.69 4.55 -5.10
CA VAL B 125 29.99 3.88 -5.11
C VAL B 125 30.46 3.66 -6.56
N GLU B 126 29.53 3.32 -7.44
CA GLU B 126 29.81 2.98 -8.83
C GLU B 126 30.14 4.24 -9.65
N GLY B 127 29.59 5.38 -9.26
CA GLY B 127 29.67 6.60 -10.04
C GLY B 127 28.51 6.72 -11.04
N ASN B 128 27.38 6.08 -10.68
CA ASN B 128 26.18 6.14 -11.48
C ASN B 128 25.25 7.23 -10.92
N GLU B 129 24.24 7.62 -11.72
CA GLU B 129 23.28 8.59 -11.24
C GLU B 129 22.49 8.05 -10.04
N ILE B 130 22.08 8.96 -9.16
CA ILE B 130 21.54 8.61 -7.87
C ILE B 130 20.12 9.17 -7.80
N PRO B 131 19.08 8.32 -7.75
CA PRO B 131 17.73 8.82 -7.48
C PRO B 131 17.66 9.62 -6.19
N THR B 132 16.81 10.66 -6.17
CA THR B 132 16.82 11.63 -5.09
C THR B 132 16.20 11.05 -3.82
N HIS B 133 15.06 10.40 -3.97
CA HIS B 133 14.24 9.98 -2.84
C HIS B 133 14.52 8.53 -2.45
N SER B 134 14.29 8.19 -1.18
CA SER B 134 14.61 6.88 -0.63
C SER B 134 13.32 6.11 -0.39
N LEU B 135 13.31 4.84 -0.83
CA LEU B 135 12.22 3.92 -0.57
C LEU B 135 12.54 3.14 0.69
N GLU B 136 11.78 3.42 1.75
CA GLU B 136 12.00 2.79 3.03
C GLU B 136 11.24 1.47 3.09
N GLY B 137 11.64 0.58 3.99
CA GLY B 137 10.86 -0.60 4.24
C GLY B 137 11.16 -1.80 3.32
N LEU B 138 12.33 -1.79 2.66
CA LEU B 138 12.65 -2.83 1.68
C LEU B 138 14.02 -3.45 1.94
N SER B 139 14.64 -3.24 3.10
CA SER B 139 16.02 -3.69 3.26
C SER B 139 16.15 -5.18 3.58
N SER B 140 15.06 -5.82 4.01
N SER B 140 15.05 -5.83 3.97
CA SER B 140 15.07 -7.24 4.40
CA SER B 140 15.11 -7.22 4.37
C SER B 140 14.43 -8.08 3.31
C SER B 140 14.44 -8.10 3.31
N SER B 141 15.04 -9.24 2.99
N SER B 141 15.09 -9.21 2.92
CA SER B 141 14.50 -10.15 2.00
CA SER B 141 14.46 -10.05 1.90
C SER B 141 13.05 -10.52 2.34
C SER B 141 13.06 -10.42 2.34
N GLY B 142 12.15 -10.41 1.36
CA GLY B 142 10.75 -10.69 1.57
C GLY B 142 9.92 -9.46 1.93
N ASP B 143 10.54 -8.30 2.01
CA ASP B 143 9.87 -7.06 2.36
C ASP B 143 9.11 -6.54 1.12
N ALA B 144 7.89 -6.05 1.37
CA ALA B 144 7.03 -5.47 0.35
C ALA B 144 6.44 -4.16 0.89
N VAL B 145 6.35 -3.17 0.02
CA VAL B 145 5.68 -1.92 0.33
C VAL B 145 4.84 -1.51 -0.87
N ARG B 146 3.75 -0.80 -0.57
CA ARG B 146 2.93 -0.21 -1.62
C ARG B 146 3.58 1.09 -2.10
N PHE B 147 3.47 1.31 -3.40
CA PHE B 147 3.86 2.55 -4.02
C PHE B 147 2.81 2.92 -5.07
N GLY B 148 1.72 3.53 -4.58
CA GLY B 148 0.67 3.89 -5.51
C GLY B 148 0.07 2.62 -6.12
N PRO B 149 0.03 2.54 -7.46
CA PRO B 149 -0.61 1.42 -8.15
C PRO B 149 0.22 0.15 -8.28
N VAL B 150 1.42 0.16 -7.65
CA VAL B 150 2.25 -1.03 -7.63
C VAL B 150 2.57 -1.40 -6.21
N GLU B 151 3.07 -2.63 -6.09
CA GLU B 151 3.76 -3.12 -4.92
C GLU B 151 5.22 -3.31 -5.33
N LEU B 152 6.11 -2.87 -4.44
CA LEU B 152 7.55 -3.06 -4.54
C LEU B 152 7.93 -4.20 -3.61
N PHE B 153 8.81 -5.07 -4.09
CA PHE B 153 9.21 -6.25 -3.35
C PHE B 153 10.72 -6.44 -3.45
N TYR B 154 11.35 -6.67 -2.32
CA TYR B 154 12.77 -6.99 -2.28
C TYR B 154 12.88 -8.47 -2.07
N PRO B 155 13.29 -9.26 -3.07
CA PRO B 155 13.29 -10.71 -2.94
C PRO B 155 14.53 -11.29 -2.28
N GLY B 156 15.54 -10.44 -2.06
CA GLY B 156 16.86 -10.88 -1.69
C GLY B 156 17.82 -10.66 -2.85
N ALA B 157 19.10 -10.88 -2.59
CA ALA B 157 20.15 -10.64 -3.57
C ALA B 157 20.01 -11.64 -4.71
N ALA B 158 20.26 -11.15 -5.95
CA ALA B 158 20.11 -12.02 -7.10
C ALA B 158 21.05 -11.46 -8.15
N HIS B 159 20.50 -10.84 -9.19
CA HIS B 159 21.28 -10.13 -10.21
C HIS B 159 22.21 -9.08 -9.55
N SER B 160 21.68 -8.41 -8.52
CA SER B 160 22.44 -7.49 -7.69
C SER B 160 21.92 -7.59 -6.26
N THR B 161 22.64 -7.02 -5.29
CA THR B 161 22.20 -7.16 -3.92
C THR B 161 20.99 -6.28 -3.64
N ASP B 162 20.74 -5.28 -4.48
CA ASP B 162 19.67 -4.30 -4.27
C ASP B 162 18.44 -4.54 -5.14
N ASN B 163 18.45 -5.56 -5.99
CA ASN B 163 17.41 -5.63 -7.00
C ASN B 163 16.00 -5.72 -6.39
N LEU B 164 15.11 -4.88 -6.92
CA LEU B 164 13.69 -4.89 -6.58
C LEU B 164 12.87 -5.48 -7.73
N VAL B 165 11.72 -6.06 -7.38
CA VAL B 165 10.72 -6.41 -8.40
C VAL B 165 9.47 -5.58 -8.09
N VAL B 166 8.62 -5.43 -9.11
CA VAL B 166 7.47 -4.53 -9.09
C VAL B 166 6.27 -5.30 -9.60
N TYR B 167 5.16 -5.26 -8.85
CA TYR B 167 3.95 -5.96 -9.23
C TYR B 167 2.84 -4.93 -9.38
N VAL B 168 2.07 -5.07 -10.46
CA VAL B 168 0.90 -4.25 -10.70
C VAL B 168 -0.34 -5.11 -10.45
N PRO B 169 -1.02 -4.96 -9.30
CA PRO B 169 -2.10 -5.88 -8.96
C PRO B 169 -3.31 -5.75 -9.87
N SER B 170 -3.60 -4.55 -10.38
CA SER B 170 -4.78 -4.40 -11.22
C SER B 170 -4.65 -5.25 -12.47
N ALA B 171 -3.42 -5.48 -12.95
CA ALA B 171 -3.17 -6.09 -14.25
C ALA B 171 -2.49 -7.47 -14.19
N SER B 172 -2.13 -7.89 -12.97
CA SER B 172 -1.38 -9.13 -12.76
C SER B 172 -0.06 -9.14 -13.53
N VAL B 173 0.61 -7.97 -13.54
CA VAL B 173 1.89 -7.83 -14.23
C VAL B 173 3.02 -7.79 -13.21
N LEU B 174 3.91 -8.77 -13.34
CA LEU B 174 5.10 -8.83 -12.50
C LEU B 174 6.31 -8.43 -13.34
N TYR B 175 6.95 -7.35 -12.91
CA TYR B 175 8.12 -6.82 -13.55
C TYR B 175 9.31 -7.29 -12.73
N GLY B 176 10.06 -8.24 -13.27
CA GLY B 176 11.13 -8.91 -12.56
C GLY B 176 12.44 -8.11 -12.64
N GLY B 177 12.51 -7.19 -13.58
CA GLY B 177 13.79 -6.54 -13.85
C GLY B 177 14.92 -7.53 -14.11
N CYS B 178 16.16 -7.14 -13.81
CA CYS B 178 17.32 -7.87 -14.35
C CYS B 178 17.60 -9.14 -13.54
N ALA B 179 16.84 -9.37 -12.46
CA ALA B 179 16.84 -10.64 -11.72
C ALA B 179 16.12 -11.75 -12.47
N ILE B 180 15.39 -11.42 -13.53
CA ILE B 180 14.67 -12.43 -14.30
C ILE B 180 15.15 -12.34 -15.75
N TYR B 181 15.48 -13.48 -16.32
CA TYR B 181 15.91 -13.62 -17.72
C TYR B 181 14.76 -14.03 -18.63
N GLU B 182 14.85 -13.56 -19.89
CA GLU B 182 13.95 -14.04 -20.93
C GLU B 182 14.37 -15.47 -21.30
N LEU B 183 13.40 -16.18 -21.88
CA LEU B 183 13.58 -17.58 -22.23
C LEU B 183 14.70 -17.74 -23.26
N SER B 184 14.89 -16.78 -24.19
N SER B 184 14.82 -16.76 -24.17
CA SER B 184 15.93 -16.94 -25.20
CA SER B 184 15.87 -16.82 -25.19
C SER B 184 17.35 -16.68 -24.67
C SER B 184 17.26 -16.87 -24.58
N ARG B 185 17.47 -16.27 -23.39
CA ARG B 185 18.76 -16.18 -22.77
C ARG B 185 19.09 -17.52 -22.11
N THR B 186 20.06 -18.26 -22.65
CA THR B 186 20.37 -19.56 -22.09
C THR B 186 21.73 -19.59 -21.40
N SER B 187 22.41 -18.44 -21.27
CA SER B 187 23.64 -18.33 -20.52
C SER B 187 23.58 -17.03 -19.74
N ALA B 188 24.36 -16.91 -18.69
CA ALA B 188 24.30 -15.74 -17.81
C ALA B 188 24.63 -14.45 -18.56
N GLY B 189 23.91 -13.39 -18.13
CA GLY B 189 24.21 -12.04 -18.57
C GLY B 189 25.31 -11.44 -17.72
N ASN B 190 25.15 -10.17 -17.36
CA ASN B 190 26.10 -9.49 -16.52
C ASN B 190 25.93 -9.96 -15.07
N VAL B 191 26.92 -10.72 -14.58
CA VAL B 191 26.83 -11.25 -13.23
C VAL B 191 27.91 -10.65 -12.35
N ALA B 192 28.53 -9.52 -12.78
CA ALA B 192 29.63 -8.95 -11.99
C ALA B 192 29.21 -8.65 -10.56
N ASP B 193 27.94 -8.24 -10.38
CA ASP B 193 27.45 -7.74 -9.12
C ASP B 193 26.43 -8.69 -8.49
N ALA B 194 26.37 -9.92 -8.99
CA ALA B 194 25.35 -10.89 -8.60
C ALA B 194 25.75 -11.67 -7.36
N ASP B 195 24.71 -12.19 -6.69
CA ASP B 195 24.84 -13.19 -5.65
C ASP B 195 24.37 -14.50 -6.26
N LEU B 196 25.30 -15.23 -6.92
CA LEU B 196 24.91 -16.52 -7.49
C LEU B 196 24.41 -17.49 -6.44
N ALA B 197 25.02 -17.49 -5.25
CA ALA B 197 24.59 -18.45 -4.25
C ALA B 197 23.14 -18.24 -3.78
N GLU B 198 22.64 -16.99 -3.79
CA GLU B 198 21.33 -16.67 -3.23
C GLU B 198 20.25 -16.46 -4.30
N TRP B 199 20.68 -16.36 -5.55
CA TRP B 199 19.78 -15.98 -6.64
C TRP B 199 18.60 -16.93 -6.74
N PRO B 200 18.77 -18.27 -6.79
CA PRO B 200 17.61 -19.12 -6.84
C PRO B 200 16.66 -18.99 -5.66
N THR B 201 17.19 -18.77 -4.44
CA THR B 201 16.38 -18.59 -3.26
C THR B 201 15.53 -17.34 -3.42
N SER B 202 16.15 -16.26 -3.90
CA SER B 202 15.47 -15.00 -4.16
C SER B 202 14.36 -15.14 -5.18
N ILE B 203 14.61 -15.89 -6.28
CA ILE B 203 13.59 -16.17 -7.26
C ILE B 203 12.40 -16.93 -6.65
N GLU B 204 12.65 -17.92 -5.78
CA GLU B 204 11.58 -18.64 -5.15
C GLU B 204 10.74 -17.73 -4.24
N ARG B 205 11.35 -16.73 -3.59
CA ARG B 205 10.56 -15.74 -2.87
C ARG B 205 9.59 -14.97 -3.78
N ILE B 206 10.01 -14.68 -5.00
CA ILE B 206 9.15 -14.01 -5.95
C ILE B 206 7.97 -14.91 -6.29
N GLN B 207 8.24 -16.18 -6.58
CA GLN B 207 7.22 -17.17 -6.89
C GLN B 207 6.22 -17.27 -5.75
N GLN B 208 6.70 -17.32 -4.52
CA GLN B 208 5.79 -17.47 -3.38
C GLN B 208 4.95 -16.22 -3.13
N HIS B 209 5.49 -15.04 -3.44
CA HIS B 209 4.82 -13.78 -3.18
C HIS B 209 3.79 -13.44 -4.26
N TYR B 210 4.05 -13.78 -5.52
CA TYR B 210 3.22 -13.37 -6.66
C TYR B 210 2.86 -14.58 -7.51
N PRO B 211 2.33 -15.68 -6.92
CA PRO B 211 1.94 -16.85 -7.71
C PRO B 211 0.78 -16.61 -8.69
N GLU B 212 0.04 -15.51 -8.54
CA GLU B 212 -1.06 -15.13 -9.42
C GLU B 212 -0.63 -14.34 -10.65
N ALA B 213 0.69 -14.00 -10.79
CA ALA B 213 1.14 -13.18 -11.89
C ALA B 213 0.83 -13.84 -13.23
N GLN B 214 0.31 -13.07 -14.18
N GLN B 214 0.30 -13.02 -14.15
CA GLN B 214 0.04 -13.62 -15.50
CA GLN B 214 -0.15 -13.43 -15.48
C GLN B 214 1.09 -13.19 -16.53
C GLN B 214 0.84 -13.04 -16.58
N PHE B 215 1.63 -11.97 -16.35
CA PHE B 215 2.62 -11.45 -17.27
C PHE B 215 3.88 -11.24 -16.45
N VAL B 216 5.00 -11.67 -17.01
CA VAL B 216 6.27 -11.47 -16.32
C VAL B 216 7.23 -10.80 -17.29
N ILE B 217 7.77 -9.64 -16.85
CA ILE B 217 8.62 -8.82 -17.69
C ILE B 217 10.06 -8.92 -17.20
N PRO B 218 10.98 -9.44 -18.03
CA PRO B 218 12.41 -9.45 -17.68
C PRO B 218 13.04 -8.08 -17.92
N GLY B 219 14.23 -7.87 -17.35
CA GLY B 219 14.97 -6.63 -17.52
C GLY B 219 15.33 -6.40 -18.98
N HIS B 220 15.60 -7.51 -19.68
CA HIS B 220 16.05 -7.54 -21.06
C HIS B 220 15.27 -8.62 -21.78
N GLY B 221 14.60 -8.26 -22.87
CA GLY B 221 14.05 -9.26 -23.77
C GLY B 221 12.54 -9.47 -23.61
N LEU B 222 12.05 -10.59 -24.15
CA LEU B 222 10.63 -10.81 -24.34
C LEU B 222 9.90 -11.18 -23.04
N PRO B 223 8.70 -10.62 -22.83
CA PRO B 223 7.85 -11.00 -21.71
C PRO B 223 7.42 -12.46 -21.84
N GLY B 224 7.04 -13.02 -20.71
CA GLY B 224 6.44 -14.33 -20.65
C GLY B 224 5.53 -14.45 -19.45
N GLY B 225 5.42 -15.69 -18.95
CA GLY B 225 4.70 -15.93 -17.72
C GLY B 225 5.65 -16.30 -16.58
N LEU B 226 5.10 -16.86 -15.50
CA LEU B 226 5.91 -17.28 -14.37
C LEU B 226 6.96 -18.33 -14.73
N ASP B 227 6.87 -18.98 -15.89
CA ASP B 227 7.93 -19.91 -16.25
C ASP B 227 9.30 -19.23 -16.47
N LEU B 228 9.32 -17.89 -16.55
CA LEU B 228 10.60 -17.21 -16.64
C LEU B 228 11.39 -17.40 -15.35
N LEU B 229 10.73 -17.62 -14.20
CA LEU B 229 11.41 -17.71 -12.92
C LEU B 229 12.26 -18.98 -12.91
N LYS B 230 11.64 -20.15 -13.14
CA LYS B 230 12.41 -21.36 -13.12
C LYS B 230 13.41 -21.38 -14.27
N HIS B 231 13.07 -20.76 -15.40
CA HIS B 231 14.04 -20.64 -16.48
C HIS B 231 15.32 -19.95 -15.98
N THR B 232 15.12 -18.82 -15.28
CA THR B 232 16.27 -18.07 -14.81
C THR B 232 17.07 -18.93 -13.82
N THR B 233 16.39 -19.59 -12.88
CA THR B 233 17.06 -20.48 -11.95
C THR B 233 17.92 -21.49 -12.70
N ASN B 234 17.36 -22.10 -13.76
CA ASN B 234 18.10 -23.07 -14.56
C ASN B 234 19.40 -22.48 -15.09
N VAL B 235 19.33 -21.25 -15.63
CA VAL B 235 20.48 -20.61 -16.24
C VAL B 235 21.51 -20.23 -15.19
N VAL B 236 21.04 -19.73 -14.05
CA VAL B 236 21.95 -19.31 -13.00
C VAL B 236 22.67 -20.52 -12.39
N LYS B 237 21.95 -21.62 -12.19
CA LYS B 237 22.56 -22.83 -11.65
C LYS B 237 23.59 -23.37 -12.64
N ALA B 238 23.28 -23.35 -13.94
CA ALA B 238 24.26 -23.81 -14.92
C ALA B 238 25.52 -22.95 -14.91
N HIS B 239 25.35 -21.65 -14.70
CA HIS B 239 26.50 -20.76 -14.68
C HIS B 239 27.35 -20.99 -13.43
N THR B 240 26.68 -21.17 -12.29
CA THR B 240 27.28 -21.51 -11.02
C THR B 240 28.20 -22.72 -11.19
N ASN B 241 27.79 -23.66 -12.05
CA ASN B 241 28.48 -24.96 -12.17
C ASN B 241 29.58 -24.89 -13.23
N ARG B 242 29.87 -23.73 -13.80
CA ARG B 242 30.83 -23.60 -14.90
C ARG B 242 32.18 -24.23 -14.51
ZN ZN C . -8.85 7.98 10.11
ZN ZN D . -10.47 8.18 6.77
ZN ZN E . -14.49 22.24 20.06
C FMT F . -14.26 23.96 18.37
O1 FMT F . -13.24 23.49 18.70
O2 FMT F . -15.39 23.60 18.92
C FMT G . -16.74 21.85 21.00
O1 FMT G . -17.22 22.60 21.86
O2 FMT G . -15.46 22.01 20.49
ZN ZN H . 19.86 -5.12 -16.83
ZN ZN I . 21.99 -4.85 -13.82
ZN ZN J . 14.65 -22.37 -19.78
C FMT K . 17.16 -23.43 -19.52
O1 FMT K . 17.39 -22.71 -20.47
O2 FMT K . 15.93 -23.62 -18.94
C FMT L . 12.29 -23.81 -18.86
O1 FMT L . 12.57 -24.66 -19.70
O2 FMT L . 13.07 -22.71 -18.68
C1 OR6 M . 22.70 -6.87 -18.35
O1 OR6 M . 21.69 -5.01 -15.84
C2 OR6 M . 22.78 -5.42 -17.88
O2 OR6 M . 23.43 -5.67 -15.44
C3 OR6 M . 23.45 -7.28 -19.44
C4 OR6 M . 21.86 -7.78 -17.55
O3 OR6 M . 20.86 -7.18 -16.89
C5 OR6 M . 22.62 -5.42 -16.33
O4 OR6 M . 22.22 -9.08 -17.51
C6 OR6 M . 24.06 -4.70 -18.26
C7 OR6 M . 23.91 -3.19 -17.96
C8 OR6 M . 25.23 -2.47 -18.11
C9 OR6 M . 25.08 -1.08 -17.59
#